data_5XIL
#
_entry.id   5XIL
#
_cell.length_a   75.294
_cell.length_b   98.861
_cell.length_c   146.327
_cell.angle_alpha   90.000
_cell.angle_beta   90.000
_cell.angle_gamma   90.000
#
_symmetry.space_group_name_H-M   'C 2 2 21'
#
loop_
_entity.id
_entity.type
_entity.pdbx_description
1 polymer 'Putative prolyl-tRNA synthetase'
2 non-polymer 'ZINC ION'
3 non-polymer 'ACETATE ION'
4 non-polymer 'MAGNESIUM ION'
5 water water
#
_entity_poly.entity_id   1
_entity_poly.type   'polypeptide(L)'
_entity_poly.pdbx_seq_one_letter_code
;GAMGIAAKREENFSAWYIDVITKAEMIEYYDVSGCYIIRPWAYYVWKCVQRFLGGKIEKLGVEDCYFPMFVSRSCLEREK
DHIEGFAPEVAWVTRAGDTELEQPVAVRPTSETVMYPYYAKWIRSHRDLPVRLNMWNNVIRWEFSHPTPFIRTREFLWQE
GHCAWAKAEECAKEVLEILECYASVYEQLLAVPVVRGRKTEKEKFAGGDYTTTVETFIEAVGRGCQGATSHNLGQNFGKM
FDIRFQDPENNEQTLIPWQNSWGLSTRVIGVMIMVHGDNRGMVMPPRVASTQVIIIPVGITKDTTEEARQELLASCWRLE
SELCEGGVRARCDLRDNYSPGWRFNHWEVKGVPLRVELGPRELAERSLAVAVRHSGARHSVAWDAQTPAAVAALLEDVHA
QMYARAKETMETHRVRVTEWTEFVPTLNRKCLILAPWCGAMECENQVKKDSAEESKVAQAQETREDARAPSMGAKTLCIP
FEQPEEPAEGHECICKGCTKPATTWVLFGRSY
;
_entity_poly.pdbx_strand_id   A
#
loop_
_chem_comp.id
_chem_comp.type
_chem_comp.name
_chem_comp.formula
ACT non-polymer 'ACETATE ION' 'C2 H3 O2 -1'
MG non-polymer 'MAGNESIUM ION' 'Mg 2'
ZN non-polymer 'ZINC ION' 'Zn 2'
#
# COMPACT_ATOMS: atom_id res chain seq x y z
N MET A 3 25.90 -3.92 -11.79
CA MET A 3 24.86 -3.27 -12.62
C MET A 3 23.50 -4.00 -12.55
N GLY A 4 22.42 -3.22 -12.49
CA GLY A 4 21.07 -3.79 -12.45
C GLY A 4 20.84 -4.71 -11.25
N ILE A 5 19.97 -5.69 -11.44
CA ILE A 5 19.44 -6.55 -10.35
C ILE A 5 19.76 -7.99 -10.69
N ALA A 6 20.00 -8.81 -9.68
CA ALA A 6 20.56 -10.13 -9.93
C ALA A 6 19.55 -11.23 -10.23
N ALA A 7 18.26 -10.97 -10.10
CA ALA A 7 17.26 -11.98 -10.43
C ALA A 7 16.09 -11.24 -11.02
N LYS A 8 15.37 -11.91 -11.93
CA LYS A 8 14.15 -11.37 -12.50
C LYS A 8 13.00 -11.68 -11.54
N ARG A 9 12.02 -10.76 -11.51
CA ARG A 9 10.84 -10.95 -10.64
CA ARG A 9 10.79 -10.92 -10.67
C ARG A 9 10.12 -12.24 -10.95
N GLU A 10 10.03 -12.55 -12.25
CA GLU A 10 9.26 -13.72 -12.79
C GLU A 10 9.96 -15.02 -12.52
N GLU A 11 11.23 -14.95 -12.11
CA GLU A 11 12.04 -16.15 -11.94
CA GLU A 11 12.12 -16.11 -11.99
C GLU A 11 12.41 -16.50 -10.57
N ASN A 12 12.74 -15.51 -9.73
CA ASN A 12 13.02 -15.75 -8.35
C ASN A 12 12.68 -14.50 -7.52
N PHE A 13 11.43 -14.41 -7.14
CA PHE A 13 10.93 -13.16 -6.56
C PHE A 13 11.54 -12.80 -5.24
N SER A 14 11.75 -13.78 -4.37
CA SER A 14 12.44 -13.50 -3.11
C SER A 14 13.84 -12.91 -3.25
N ALA A 15 14.64 -13.44 -4.16
CA ALA A 15 15.97 -12.93 -4.36
C ALA A 15 15.94 -11.55 -5.06
N TRP A 16 15.01 -11.37 -5.98
CA TRP A 16 14.81 -10.09 -6.59
C TRP A 16 14.53 -9.03 -5.50
N TYR A 17 13.62 -9.35 -4.60
CA TYR A 17 13.14 -8.35 -3.63
C TYR A 17 14.31 -7.99 -2.71
N ILE A 18 15.00 -9.01 -2.15
CA ILE A 18 16.16 -8.73 -1.34
C ILE A 18 17.24 -7.91 -2.03
N ASP A 19 17.52 -8.18 -3.29
CA ASP A 19 18.52 -7.45 -4.05
C ASP A 19 18.03 -5.99 -4.23
N VAL A 20 16.76 -5.83 -4.51
CA VAL A 20 16.28 -4.46 -4.69
C VAL A 20 16.39 -3.65 -3.43
N ILE A 21 15.88 -4.15 -2.33
CA ILE A 21 15.77 -3.34 -1.14
C ILE A 21 17.19 -2.98 -0.62
N THR A 22 18.15 -3.84 -0.89
CA THR A 22 19.55 -3.60 -0.49
C THR A 22 20.23 -2.60 -1.39
N LYS A 23 20.19 -2.84 -2.71
CA LYS A 23 20.83 -1.97 -3.71
C LYS A 23 20.19 -0.61 -3.77
N ALA A 24 18.89 -0.50 -3.48
CA ALA A 24 18.20 0.81 -3.49
C ALA A 24 18.38 1.53 -2.17
N GLU A 25 19.18 0.97 -1.27
CA GLU A 25 19.45 1.60 0.03
C GLU A 25 18.24 1.80 0.90
N MET A 26 17.30 0.86 0.86
CA MET A 26 16.13 0.92 1.63
C MET A 26 16.28 0.34 3.02
N ILE A 27 17.04 -0.73 3.14
CA ILE A 27 17.27 -1.37 4.40
C ILE A 27 18.71 -1.78 4.51
N GLU A 28 19.16 -1.86 5.76
CA GLU A 28 20.48 -2.37 6.13
C GLU A 28 20.20 -3.47 7.15
N TYR A 29 20.77 -4.65 6.89
CA TYR A 29 20.50 -5.83 7.69
C TYR A 29 21.18 -5.78 9.02
N TYR A 36 15.68 -4.84 11.07
CA TYR A 36 16.34 -4.19 9.95
C TYR A 36 16.45 -2.74 10.37
N ILE A 37 17.49 -2.04 9.92
CA ILE A 37 17.47 -0.56 9.87
C ILE A 37 16.72 -0.09 8.62
N ILE A 38 15.79 0.83 8.81
CA ILE A 38 15.09 1.43 7.70
C ILE A 38 15.81 2.74 7.33
N ARG A 39 16.56 2.72 6.20
CA ARG A 39 17.27 3.84 5.75
C ARG A 39 16.34 4.89 5.10
N PRO A 40 16.84 6.12 4.89
CA PRO A 40 15.94 7.18 4.42
C PRO A 40 15.19 6.93 3.16
N TRP A 41 15.75 6.20 2.18
CA TRP A 41 15.01 6.07 0.96
C TRP A 41 13.67 5.40 1.14
N ALA A 42 13.66 4.41 2.03
CA ALA A 42 12.43 3.79 2.44
C ALA A 42 11.65 4.55 3.55
N TYR A 43 12.34 4.99 4.59
CA TYR A 43 11.70 5.72 5.67
C TYR A 43 10.88 6.96 5.23
N TYR A 44 11.38 7.70 4.23
CA TYR A 44 10.68 8.87 3.69
C TYR A 44 9.27 8.47 3.32
N VAL A 45 9.13 7.23 2.81
CA VAL A 45 7.78 6.75 2.47
C VAL A 45 6.83 6.75 3.71
N TRP A 46 7.33 6.21 4.83
CA TRP A 46 6.61 6.16 6.11
C TRP A 46 6.36 7.57 6.60
N LYS A 47 7.33 8.45 6.45
CA LYS A 47 7.11 9.87 6.86
C LYS A 47 5.93 10.47 6.09
N CYS A 48 5.84 10.18 4.81
CA CYS A 48 4.80 10.65 3.90
C CYS A 48 3.45 10.10 4.32
N VAL A 49 3.46 8.80 4.66
CA VAL A 49 2.26 8.17 5.15
C VAL A 49 1.77 8.78 6.45
N GLN A 50 2.71 9.01 7.34
CA GLN A 50 2.37 9.65 8.62
C GLN A 50 1.70 11.03 8.42
N ARG A 51 2.28 11.86 7.57
CA ARG A 51 1.72 13.16 7.27
C ARG A 51 0.31 13.07 6.71
N PHE A 52 0.13 12.23 5.70
CA PHE A 52 -1.04 12.17 4.87
C PHE A 52 -2.15 11.51 5.68
N LEU A 53 -1.89 10.30 6.17
CA LEU A 53 -2.89 9.57 6.99
C LEU A 53 -3.15 10.26 8.34
N GLY A 54 -2.12 10.76 8.96
CA GLY A 54 -2.24 11.58 10.17
C GLY A 54 -3.17 12.73 9.97
N GLY A 55 -2.99 13.45 8.89
CA GLY A 55 -3.86 14.56 8.58
C GLY A 55 -5.31 14.21 8.46
N LYS A 56 -5.57 13.13 7.75
CA LYS A 56 -6.89 12.67 7.51
C LYS A 56 -7.59 12.19 8.79
N ILE A 57 -6.85 11.50 9.65
CA ILE A 57 -7.35 10.98 10.95
CA ILE A 57 -7.55 11.03 10.85
C ILE A 57 -7.74 12.20 11.85
N GLU A 58 -6.85 13.19 11.84
CA GLU A 58 -7.06 14.40 12.66
C GLU A 58 -8.30 15.11 12.18
N LYS A 59 -8.44 15.22 10.89
CA LYS A 59 -9.55 15.91 10.30
C LYS A 59 -10.86 15.18 10.56
N LEU A 60 -10.83 13.86 10.65
CA LEU A 60 -12.04 13.16 11.06
C LEU A 60 -12.48 13.41 12.49
N GLY A 61 -11.56 13.76 13.36
CA GLY A 61 -11.85 14.04 14.75
C GLY A 61 -11.12 13.13 15.69
N VAL A 62 -10.25 12.26 15.20
CA VAL A 62 -9.48 11.39 16.08
C VAL A 62 -8.31 12.12 16.68
N GLU A 63 -8.02 11.89 17.97
CA GLU A 63 -6.86 12.53 18.58
C GLU A 63 -5.73 11.57 18.89
N ASP A 64 -4.52 12.06 18.76
CA ASP A 64 -3.36 11.28 19.08
C ASP A 64 -3.08 11.30 20.57
N CYS A 65 -2.46 10.24 21.06
CA CYS A 65 -2.05 10.08 22.44
C CYS A 65 -0.81 9.12 22.55
N TYR A 66 -0.33 8.87 23.76
CA TYR A 66 0.84 8.00 23.97
C TYR A 66 0.51 7.13 25.16
N PHE A 67 0.49 5.82 24.92
CA PHE A 67 0.46 4.80 26.01
C PHE A 67 1.87 4.18 26.20
N PRO A 68 2.32 4.04 27.45
CA PRO A 68 3.62 3.39 27.70
C PRO A 68 3.83 2.08 26.93
N THR A 110 -0.48 -6.33 24.23
CA THR A 110 -1.63 -6.02 23.36
C THR A 110 -2.23 -4.70 23.80
N SER A 111 -2.50 -3.86 22.81
CA SER A 111 -3.05 -2.53 23.07
C SER A 111 -4.37 -2.60 23.86
N GLU A 112 -5.25 -3.55 23.59
CA GLU A 112 -6.60 -3.56 24.21
C GLU A 112 -6.54 -3.81 25.70
N THR A 113 -5.62 -4.68 26.10
CA THR A 113 -5.49 -5.01 27.50
C THR A 113 -4.93 -3.83 28.28
N VAL A 114 -4.15 -2.99 27.63
CA VAL A 114 -3.62 -1.83 28.30
C VAL A 114 -4.58 -0.63 28.26
N MET A 115 -5.22 -0.45 27.11
CA MET A 115 -6.03 0.73 26.87
C MET A 115 -7.48 0.65 27.41
N TYR A 116 -8.12 -0.49 27.26
CA TYR A 116 -9.54 -0.55 27.49
C TYR A 116 -9.95 -0.40 28.97
N PRO A 117 -9.03 -0.72 29.89
CA PRO A 117 -9.32 -0.34 31.29
C PRO A 117 -9.40 1.17 31.43
N TYR A 118 -8.53 1.92 30.72
CA TYR A 118 -8.64 3.35 30.78
C TYR A 118 -9.90 3.87 30.13
N TYR A 119 -10.33 3.25 29.03
CA TYR A 119 -11.56 3.63 28.40
C TYR A 119 -12.70 3.51 29.44
N ALA A 120 -12.69 2.43 30.19
CA ALA A 120 -13.71 2.21 31.25
C ALA A 120 -13.66 3.36 32.24
N LYS A 121 -12.47 3.77 32.63
CA LYS A 121 -12.26 4.85 33.57
C LYS A 121 -12.71 6.22 33.02
N TRP A 122 -12.35 6.52 31.78
CA TRP A 122 -12.63 7.78 31.20
C TRP A 122 -14.06 7.90 30.80
N ILE A 123 -14.75 6.80 30.55
CA ILE A 123 -16.13 6.96 30.11
C ILE A 123 -17.02 6.86 31.39
N ARG A 124 -17.33 8.03 31.94
CA ARG A 124 -18.08 8.15 33.18
C ARG A 124 -19.53 8.33 32.92
N SER A 125 -19.88 8.85 31.74
CA SER A 125 -21.25 9.06 31.34
C SER A 125 -21.29 9.27 29.83
N HIS A 126 -22.45 9.39 29.27
CA HIS A 126 -22.58 9.58 27.87
C HIS A 126 -21.85 10.82 27.38
N ARG A 127 -21.62 11.79 28.27
CA ARG A 127 -21.01 13.04 27.87
C ARG A 127 -19.51 12.86 27.53
N ASP A 128 -18.92 11.75 27.94
CA ASP A 128 -17.53 11.44 27.58
C ASP A 128 -17.36 10.77 26.21
N LEU A 129 -18.43 10.50 25.51
CA LEU A 129 -18.35 9.81 24.24
C LEU A 129 -18.49 10.82 23.16
N PRO A 130 -17.90 10.57 22.00
CA PRO A 130 -17.00 9.42 21.70
C PRO A 130 -15.58 9.56 22.24
N VAL A 131 -14.91 8.44 22.50
CA VAL A 131 -13.49 8.44 22.84
C VAL A 131 -12.82 8.01 21.53
N ARG A 132 -11.95 8.87 20.95
CA ARG A 132 -11.35 8.54 19.65
C ARG A 132 -9.86 8.85 19.70
N LEU A 133 -9.09 7.80 19.78
CA LEU A 133 -7.64 7.89 20.06
C LEU A 133 -6.80 7.08 19.05
N ASN A 134 -5.66 7.63 18.66
CA ASN A 134 -4.75 7.04 17.78
C ASN A 134 -3.37 7.12 18.35
N MET A 135 -2.55 6.14 18.00
CA MET A 135 -1.16 6.10 18.39
C MET A 135 -0.30 5.71 17.20
N TRP A 136 0.81 6.38 17.03
CA TRP A 136 1.86 6.02 16.07
C TRP A 136 2.92 5.31 16.86
N ASN A 137 3.13 4.04 16.66
CA ASN A 137 4.20 3.45 17.45
C ASN A 137 4.81 2.23 16.85
N ASN A 138 5.75 1.65 17.58
CA ASN A 138 6.46 0.48 17.08
C ASN A 138 6.11 -0.79 17.83
N VAL A 139 5.46 -1.70 17.11
CA VAL A 139 5.18 -3.05 17.55
C VAL A 139 6.40 -4.04 17.43
N ILE A 140 6.48 -4.90 18.46
CA ILE A 140 7.31 -6.08 18.48
C ILE A 140 6.38 -7.31 18.64
N PRO A 147 11.17 -14.19 8.42
CA PRO A 147 10.74 -12.81 8.25
C PRO A 147 10.94 -12.36 6.79
N THR A 148 10.09 -11.44 6.32
CA THR A 148 10.30 -10.72 5.02
C THR A 148 10.31 -9.20 5.29
N PRO A 149 11.44 -8.51 5.06
CA PRO A 149 11.41 -7.05 5.35
C PRO A 149 10.20 -6.36 4.74
N PHE A 150 9.58 -5.52 5.58
CA PHE A 150 8.36 -4.76 5.27
C PHE A 150 7.17 -5.58 4.94
N ILE A 151 7.22 -6.88 5.05
CA ILE A 151 6.04 -7.67 4.80
C ILE A 151 5.62 -8.28 6.12
N ARG A 152 6.49 -9.12 6.65
CA ARG A 152 6.29 -9.80 7.97
C ARG A 152 7.59 -9.79 8.73
N THR A 153 7.63 -9.00 9.78
CA THR A 153 8.88 -8.83 10.51
C THR A 153 8.58 -8.83 11.96
N ARG A 154 9.63 -9.03 12.74
CA ARG A 154 9.53 -9.14 14.20
C ARG A 154 9.25 -7.75 14.80
N GLU A 155 9.84 -6.70 14.25
CA GLU A 155 9.56 -5.33 14.68
C GLU A 155 9.08 -4.48 13.49
N PHE A 156 8.09 -3.64 13.72
CA PHE A 156 7.67 -2.74 12.68
C PHE A 156 7.02 -1.52 13.31
N LEU A 157 6.65 -0.60 12.47
CA LEU A 157 5.99 0.63 12.87
C LEU A 157 4.60 0.62 12.33
N TRP A 158 3.70 1.20 13.09
CA TRP A 158 2.34 1.30 12.66
C TRP A 158 1.61 2.38 13.40
N GLN A 159 0.38 2.49 13.03
CA GLN A 159 -0.53 3.39 13.53
C GLN A 159 -1.77 2.56 13.92
N GLU A 160 -2.25 2.75 15.12
CA GLU A 160 -3.50 2.05 15.42
C GLU A 160 -4.44 2.98 16.20
N GLY A 161 -5.68 2.96 15.83
CA GLY A 161 -6.72 3.80 16.36
C GLY A 161 -7.71 2.89 17.06
N HIS A 162 -8.31 3.45 18.12
CA HIS A 162 -9.34 2.74 18.93
C HIS A 162 -10.38 3.77 19.32
N CYS A 163 -11.61 3.53 18.90
CA CYS A 163 -12.69 4.44 19.19
C CYS A 163 -13.87 3.73 19.87
N ALA A 164 -14.65 4.51 20.62
CA ALA A 164 -15.84 4.05 21.33
C ALA A 164 -16.88 5.13 21.15
N TRP A 165 -18.05 4.74 20.70
CA TRP A 165 -19.13 5.65 20.39
C TRP A 165 -20.39 5.24 21.20
N ALA A 166 -21.31 6.17 21.37
CA ALA A 166 -22.64 5.92 21.96
C ALA A 166 -23.57 5.02 21.12
N LYS A 167 -23.59 5.25 19.81
CA LYS A 167 -24.47 4.51 18.88
CA LYS A 167 -24.47 4.55 18.87
C LYS A 167 -23.72 3.63 17.89
N ALA A 168 -24.36 2.54 17.50
CA ALA A 168 -23.83 1.61 16.51
C ALA A 168 -23.57 2.26 15.17
N GLU A 169 -24.50 3.11 14.75
CA GLU A 169 -24.38 3.77 13.45
C GLU A 169 -23.11 4.60 13.33
N GLU A 170 -22.77 5.28 14.40
CA GLU A 170 -21.62 6.13 14.44
C GLU A 170 -20.35 5.32 14.24
N CYS A 171 -20.29 4.22 14.98
CA CYS A 171 -19.14 3.33 15.00
C CYS A 171 -18.94 2.72 13.58
N ALA A 172 -20.03 2.21 12.98
CA ALA A 172 -20.00 1.62 11.64
C ALA A 172 -19.58 2.60 10.59
N LYS A 173 -20.05 3.83 10.72
CA LYS A 173 -19.71 4.86 9.76
C LYS A 173 -18.21 5.18 9.81
N GLU A 174 -17.63 5.25 11.00
CA GLU A 174 -16.21 5.58 11.13
C GLU A 174 -15.32 4.45 10.60
N VAL A 175 -15.75 3.22 10.87
CA VAL A 175 -15.07 2.03 10.35
C VAL A 175 -14.76 2.16 8.86
N LEU A 176 -15.76 2.60 8.09
CA LEU A 176 -15.60 2.77 6.66
C LEU A 176 -14.91 4.07 6.27
N GLU A 177 -15.02 5.11 7.05
CA GLU A 177 -14.26 6.32 6.83
C GLU A 177 -12.77 6.02 6.92
N ILE A 178 -12.42 5.26 7.92
CA ILE A 178 -11.06 4.90 8.16
C ILE A 178 -10.56 3.98 7.04
N LEU A 179 -11.39 3.03 6.63
CA LEU A 179 -11.04 2.21 5.49
C LEU A 179 -10.78 3.00 4.23
N GLU A 180 -11.60 4.04 3.98
CA GLU A 180 -11.34 4.95 2.87
C GLU A 180 -10.01 5.67 2.97
N CYS A 181 -9.62 6.06 4.19
CA CYS A 181 -8.34 6.63 4.41
C CYS A 181 -7.21 5.67 4.01
N TYR A 182 -7.34 4.41 4.40
CA TYR A 182 -6.32 3.42 4.11
C TYR A 182 -6.27 3.17 2.55
N ALA A 183 -7.43 3.04 1.93
CA ALA A 183 -7.52 2.91 0.49
C ALA A 183 -6.77 4.09 -0.16
N SER A 184 -7.01 5.28 0.36
CA SER A 184 -6.39 6.49 -0.17
C SER A 184 -4.89 6.50 -0.01
N VAL A 185 -4.40 6.04 1.11
CA VAL A 185 -2.95 5.76 1.25
C VAL A 185 -2.37 4.97 0.08
N TYR A 186 -2.93 3.80 -0.18
CA TYR A 186 -2.43 2.96 -1.22
C TYR A 186 -2.58 3.62 -2.60
N GLU A 187 -3.76 4.14 -2.85
CA GLU A 187 -4.07 4.66 -4.18
C GLU A 187 -3.39 6.02 -4.51
N GLN A 188 -3.55 6.95 -3.58
CA GLN A 188 -3.17 8.34 -3.81
C GLN A 188 -1.73 8.57 -3.48
N LEU A 189 -1.17 7.88 -2.46
CA LEU A 189 0.26 8.02 -2.20
C LEU A 189 1.10 7.02 -2.92
N LEU A 190 0.68 5.74 -2.93
CA LEU A 190 1.59 4.73 -3.34
C LEU A 190 1.31 4.17 -4.76
N ALA A 191 0.24 4.65 -5.38
CA ALA A 191 -0.20 4.29 -6.72
C ALA A 191 -0.50 2.77 -6.81
N VAL A 192 -0.95 2.22 -5.67
CA VAL A 192 -1.27 0.79 -5.57
C VAL A 192 -2.79 0.63 -5.57
N PRO A 193 -3.34 -0.24 -6.41
CA PRO A 193 -4.75 -0.42 -6.39
C PRO A 193 -5.13 -1.44 -5.30
N VAL A 194 -6.38 -1.33 -4.85
CA VAL A 194 -6.84 -2.16 -3.77
C VAL A 194 -8.22 -2.67 -4.09
N VAL A 195 -8.61 -3.74 -3.40
CA VAL A 195 -10.03 -4.18 -3.31
C VAL A 195 -10.61 -3.90 -1.94
N ARG A 196 -11.51 -2.94 -1.82
CA ARG A 196 -12.22 -2.69 -0.54
C ARG A 196 -13.22 -3.77 -0.37
N GLY A 197 -13.27 -4.37 0.83
CA GLY A 197 -14.30 -5.40 1.09
C GLY A 197 -14.38 -5.76 2.57
N ARG A 198 -15.18 -6.79 2.84
CA ARG A 198 -15.45 -7.28 4.17
CA ARG A 198 -15.38 -7.26 4.17
C ARG A 198 -14.81 -8.66 4.31
N LYS A 199 -14.15 -8.92 5.43
CA LYS A 199 -13.65 -10.21 5.66
C LYS A 199 -14.82 -11.20 5.91
N THR A 200 -14.65 -12.44 5.49
CA THR A 200 -15.62 -13.48 5.95
C THR A 200 -15.58 -13.65 7.47
N GLU A 201 -16.62 -14.29 7.99
CA GLU A 201 -16.60 -14.69 9.43
CA GLU A 201 -16.60 -14.64 9.45
C GLU A 201 -15.33 -15.38 9.85
N LYS A 202 -14.87 -16.32 9.01
CA LYS A 202 -13.64 -17.08 9.31
C LYS A 202 -12.40 -16.13 9.39
N GLU A 203 -12.36 -15.13 8.54
CA GLU A 203 -11.14 -14.34 8.42
C GLU A 203 -11.12 -13.01 9.19
N LYS A 204 -12.20 -12.68 9.84
CA LYS A 204 -12.23 -11.45 10.62
CA LYS A 204 -12.25 -11.46 10.64
C LYS A 204 -11.38 -11.50 11.87
N PHE A 205 -11.19 -10.34 12.44
CA PHE A 205 -10.54 -10.24 13.74
C PHE A 205 -11.47 -10.85 14.77
N ALA A 206 -10.94 -11.83 15.47
CA ALA A 206 -11.70 -12.75 16.34
C ALA A 206 -12.48 -11.98 17.40
N GLY A 207 -11.83 -10.97 18.00
CA GLY A 207 -12.52 -10.19 19.02
C GLY A 207 -13.64 -9.25 18.59
N GLY A 208 -14.01 -9.22 17.30
CA GLY A 208 -14.95 -8.22 16.79
C GLY A 208 -16.18 -8.79 16.13
N ASP A 209 -17.05 -7.91 15.68
CA ASP A 209 -18.23 -8.31 14.96
C ASP A 209 -17.91 -8.46 13.43
N TYR A 210 -17.18 -7.52 12.81
CA TYR A 210 -16.80 -7.70 11.41
C TYR A 210 -15.55 -6.88 11.15
N THR A 211 -14.81 -7.31 10.14
CA THR A 211 -13.54 -6.69 9.77
C THR A 211 -13.66 -6.26 8.28
N THR A 212 -13.30 -5.01 8.01
CA THR A 212 -13.23 -4.50 6.65
C THR A 212 -11.74 -4.36 6.29
N THR A 213 -11.44 -4.44 5.01
CA THR A 213 -10.05 -4.60 4.55
C THR A 213 -9.85 -3.96 3.15
N VAL A 214 -8.60 -3.68 2.83
CA VAL A 214 -8.17 -3.30 1.52
C VAL A 214 -7.16 -4.37 1.09
N GLU A 215 -7.51 -5.14 0.10
CA GLU A 215 -6.72 -6.29 -0.29
C GLU A 215 -5.92 -5.89 -1.54
N THR A 216 -4.65 -6.29 -1.57
CA THR A 216 -3.74 -5.95 -2.65
C THR A 216 -3.30 -7.24 -3.35
N PHE A 217 -2.67 -7.11 -4.53
CA PHE A 217 -2.31 -8.26 -5.34
C PHE A 217 -0.86 -8.19 -5.72
N ILE A 218 -0.17 -9.28 -5.46
CA ILE A 218 1.26 -9.44 -5.80
C ILE A 218 1.40 -10.33 -7.00
N GLU A 219 1.51 -9.67 -8.15
CA GLU A 219 1.47 -10.33 -9.44
C GLU A 219 2.57 -11.35 -9.64
N ALA A 220 3.77 -11.05 -9.16
CA ALA A 220 4.93 -11.89 -9.51
C ALA A 220 4.75 -13.27 -8.99
N VAL A 221 4.05 -13.41 -7.88
CA VAL A 221 3.84 -14.73 -7.24
C VAL A 221 2.36 -15.16 -7.20
N GLY A 222 1.47 -14.32 -7.70
CA GLY A 222 0.08 -14.61 -7.79
C GLY A 222 -0.57 -14.74 -6.43
N ARG A 223 -0.23 -13.87 -5.51
CA ARG A 223 -0.76 -13.95 -4.14
C ARG A 223 -1.39 -12.68 -3.70
N GLY A 224 -2.44 -12.82 -2.89
CA GLY A 224 -3.09 -11.68 -2.22
C GLY A 224 -2.27 -11.27 -1.00
N CYS A 225 -2.35 -9.99 -0.65
CA CYS A 225 -1.75 -9.48 0.51
C CYS A 225 -2.74 -8.55 1.18
N GLN A 226 -3.04 -8.76 2.44
CA GLN A 226 -3.92 -7.84 3.17
C GLN A 226 -3.21 -6.49 3.42
N GLY A 227 -3.79 -5.39 2.94
CA GLY A 227 -3.13 -4.09 2.98
C GLY A 227 -3.22 -3.32 4.29
N ALA A 228 -4.39 -3.42 4.95
CA ALA A 228 -4.77 -2.74 6.19
C ALA A 228 -6.17 -3.16 6.52
N THR A 229 -6.59 -2.96 7.76
CA THR A 229 -7.90 -3.40 8.21
C THR A 229 -8.49 -2.39 9.16
N SER A 230 -9.82 -2.38 9.14
CA SER A 230 -10.62 -1.57 10.05
C SER A 230 -11.76 -2.45 10.61
N HIS A 231 -11.81 -2.58 11.96
CA HIS A 231 -12.64 -3.60 12.61
C HIS A 231 -13.82 -2.89 13.33
N ASN A 232 -15.05 -3.37 13.13
CA ASN A 232 -16.17 -3.04 13.99
C ASN A 232 -16.21 -4.09 15.12
N LEU A 233 -15.83 -3.66 16.33
CA LEU A 233 -15.72 -4.54 17.45
C LEU A 233 -17.08 -4.67 18.18
N GLY A 234 -18.13 -4.03 17.70
CA GLY A 234 -19.41 -3.91 18.43
C GLY A 234 -19.30 -3.58 19.90
N GLN A 235 -20.04 -4.38 20.71
CA GLN A 235 -20.01 -4.21 22.16
C GLN A 235 -19.20 -5.30 22.85
N ASN A 236 -18.51 -6.14 22.10
CA ASN A 236 -17.74 -7.23 22.73
C ASN A 236 -16.78 -6.82 23.78
N PHE A 237 -16.01 -5.78 23.51
CA PHE A 237 -14.99 -5.39 24.44
C PHE A 237 -15.47 -4.61 25.62
N GLY A 238 -16.57 -3.90 25.43
CA GLY A 238 -17.15 -3.14 26.53
C GLY A 238 -17.63 -4.11 27.58
N LYS A 239 -18.17 -5.23 27.16
CA LYS A 239 -18.58 -6.27 28.08
C LYS A 239 -17.39 -6.86 28.81
N MET A 240 -16.32 -7.17 28.11
CA MET A 240 -15.12 -7.69 28.78
C MET A 240 -14.54 -6.75 29.83
N PHE A 241 -14.52 -5.43 29.55
CA PHE A 241 -13.75 -4.44 30.30
C PHE A 241 -14.64 -3.53 31.11
N ASP A 242 -15.92 -3.88 31.17
CA ASP A 242 -16.92 -3.12 31.93
CA ASP A 242 -16.86 -3.13 31.99
C ASP A 242 -16.86 -1.63 31.63
N ILE A 243 -16.93 -1.36 30.33
CA ILE A 243 -17.11 -0.03 29.76
C ILE A 243 -18.62 0.13 29.62
N ARG A 244 -19.16 1.14 30.30
CA ARG A 244 -20.59 1.31 30.42
C ARG A 244 -20.92 2.75 30.69
N PHE A 245 -22.12 3.17 30.35
CA PHE A 245 -22.63 4.44 30.78
C PHE A 245 -24.16 4.37 30.90
N GLN A 246 -24.73 5.22 31.73
CA GLN A 246 -26.20 5.28 31.85
C GLN A 246 -26.80 5.90 30.63
N ASP A 247 -27.91 5.33 30.18
CA ASP A 247 -28.61 5.85 29.05
C ASP A 247 -29.09 7.26 29.41
N PRO A 248 -28.66 8.31 28.68
CA PRO A 248 -29.06 9.69 29.04
C PRO A 248 -30.57 9.95 29.00
N GLU A 249 -31.31 9.13 28.23
CA GLU A 249 -32.73 9.23 28.09
C GLU A 249 -33.42 8.25 29.03
N ASN A 250 -32.66 7.44 29.82
CA ASN A 250 -33.28 6.51 30.78
C ASN A 250 -32.30 6.04 31.83
N ASN A 251 -32.34 6.65 33.02
CA ASN A 251 -31.28 6.41 34.00
C ASN A 251 -31.46 5.12 34.75
N GLU A 252 -32.47 4.33 34.38
CA GLU A 252 -32.54 2.95 34.89
C GLU A 252 -31.60 1.97 34.19
N GLN A 253 -31.19 2.33 32.99
CA GLN A 253 -30.56 1.43 32.02
C GLN A 253 -29.06 1.82 31.80
N THR A 254 -28.24 0.80 31.72
CA THR A 254 -26.80 0.94 31.42
C THR A 254 -26.58 0.47 30.00
N LEU A 255 -25.80 1.23 29.24
CA LEU A 255 -25.52 0.93 27.83
C LEU A 255 -24.02 0.64 27.72
N ILE A 256 -23.68 -0.08 26.65
CA ILE A 256 -22.28 -0.35 26.34
C ILE A 256 -21.89 0.34 25.05
N PRO A 257 -20.75 1.05 25.06
CA PRO A 257 -20.38 1.74 23.83
C PRO A 257 -20.05 0.75 22.72
N TRP A 258 -20.15 1.24 21.47
CA TRP A 258 -19.75 0.56 20.28
C TRP A 258 -18.32 0.97 19.91
N GLN A 259 -17.44 -0.01 19.81
CA GLN A 259 -16.04 0.22 19.61
C GLN A 259 -15.55 -0.26 18.22
N ASN A 260 -14.51 0.39 17.78
CA ASN A 260 -13.77 -0.03 16.61
C ASN A 260 -12.29 0.11 16.84
N SER A 261 -11.52 -0.55 15.98
CA SER A 261 -10.10 -0.43 15.97
C SER A 261 -9.61 -0.62 14.55
N TRP A 262 -8.43 -0.10 14.29
CA TRP A 262 -7.97 -0.01 12.92
C TRP A 262 -6.50 0.23 12.92
N GLY A 263 -5.75 -0.42 12.02
CA GLY A 263 -4.34 -0.21 11.92
C GLY A 263 -3.81 -0.31 10.49
N LEU A 264 -2.70 0.37 10.25
CA LEU A 264 -1.95 0.33 8.98
C LEU A 264 -0.47 0.43 9.35
N SER A 265 0.37 -0.40 8.74
CA SER A 265 1.77 -0.53 9.13
C SER A 265 2.73 -0.33 7.93
N THR A 266 4.03 -0.46 8.21
CA THR A 266 5.07 -0.38 7.19
C THR A 266 5.02 -1.52 6.19
N ARG A 267 4.08 -2.46 6.37
CA ARG A 267 3.76 -3.35 5.29
C ARG A 267 3.42 -2.59 3.98
N VAL A 268 2.85 -1.35 4.09
CA VAL A 268 2.55 -0.64 2.89
C VAL A 268 3.80 -0.48 2.02
N ILE A 269 4.97 -0.36 2.63
CA ILE A 269 6.18 -0.13 1.87
C ILE A 269 6.53 -1.40 1.07
N GLY A 270 6.46 -2.55 1.72
CA GLY A 270 6.72 -3.82 1.03
C GLY A 270 5.75 -4.05 -0.14
N VAL A 271 4.47 -3.77 0.05
CA VAL A 271 3.48 -3.89 -1.01
C VAL A 271 3.87 -3.01 -2.21
N MET A 272 4.20 -1.79 -1.90
CA MET A 272 4.63 -0.80 -2.90
C MET A 272 5.79 -1.28 -3.75
N ILE A 273 6.81 -1.82 -3.11
CA ILE A 273 7.96 -2.40 -3.78
C ILE A 273 7.60 -3.56 -4.67
N MET A 274 6.78 -4.44 -4.12
CA MET A 274 6.39 -5.64 -4.84
C MET A 274 5.50 -5.33 -6.03
N VAL A 275 4.69 -4.29 -5.89
CA VAL A 275 3.75 -3.93 -6.95
C VAL A 275 4.45 -3.19 -8.12
N HIS A 276 5.36 -2.28 -7.80
CA HIS A 276 5.90 -1.40 -8.84
C HIS A 276 7.30 -1.69 -9.31
N GLY A 277 8.06 -2.42 -8.54
CA GLY A 277 9.44 -2.69 -8.84
C GLY A 277 9.48 -3.50 -10.12
N ASP A 278 10.55 -3.34 -10.89
CA ASP A 278 10.67 -4.10 -12.15
C ASP A 278 12.00 -4.77 -12.26
N ASN A 279 12.31 -5.35 -13.43
CA ASN A 279 13.59 -6.07 -13.52
C ASN A 279 14.86 -5.21 -13.52
N ARG A 280 14.68 -3.90 -13.59
CA ARG A 280 15.79 -2.95 -13.46
C ARG A 280 15.93 -2.40 -12.03
N GLY A 281 14.97 -2.68 -11.14
CA GLY A 281 15.08 -2.23 -9.76
C GLY A 281 13.78 -1.70 -9.22
N MET A 282 13.91 -0.88 -8.20
CA MET A 282 12.72 -0.16 -7.66
C MET A 282 12.19 0.90 -8.66
N VAL A 283 10.90 1.18 -8.60
CA VAL A 283 10.26 2.24 -9.30
C VAL A 283 9.47 2.98 -8.19
N MET A 284 9.91 4.16 -7.78
CA MET A 284 9.28 4.87 -6.65
CA MET A 284 9.30 4.85 -6.63
C MET A 284 8.10 5.67 -7.10
N PRO A 285 6.93 5.43 -6.51
CA PRO A 285 5.85 6.35 -6.77
C PRO A 285 6.30 7.80 -6.42
N PRO A 286 6.01 8.76 -7.30
CA PRO A 286 6.60 10.10 -7.13
C PRO A 286 6.17 10.87 -5.89
N ARG A 287 4.96 10.63 -5.39
CA ARG A 287 4.51 11.33 -4.24
C ARG A 287 5.20 10.87 -2.98
N VAL A 288 5.94 9.74 -3.01
CA VAL A 288 6.66 9.38 -1.81
C VAL A 288 8.14 9.20 -2.08
N ALA A 289 8.59 9.74 -3.19
CA ALA A 289 10.00 9.65 -3.56
C ALA A 289 10.79 10.79 -2.87
N SER A 290 11.78 10.38 -2.08
CA SER A 290 12.53 11.34 -1.29
C SER A 290 13.24 12.31 -2.26
N THR A 291 13.81 11.75 -3.30
CA THR A 291 14.24 12.49 -4.49
C THR A 291 13.32 12.14 -5.64
N GLN A 292 12.73 13.16 -6.27
CA GLN A 292 11.79 12.95 -7.37
C GLN A 292 12.52 13.08 -8.72
N VAL A 293 13.53 13.93 -8.74
CA VAL A 293 14.31 14.18 -9.97
C VAL A 293 15.77 14.20 -9.64
N ILE A 294 16.56 13.40 -10.33
CA ILE A 294 17.97 13.45 -10.20
C ILE A 294 18.56 14.10 -11.46
N ILE A 295 19.50 14.99 -11.24
CA ILE A 295 20.18 15.74 -12.37
C ILE A 295 21.65 15.24 -12.49
N ILE A 296 22.01 14.70 -13.65
CA ILE A 296 23.31 14.14 -13.85
C ILE A 296 23.93 14.81 -15.08
N PRO A 297 25.13 15.42 -14.91
CA PRO A 297 25.81 16.03 -16.05
C PRO A 297 26.34 14.94 -17.02
N VAL A 298 26.26 15.22 -18.30
CA VAL A 298 26.75 14.30 -19.32
C VAL A 298 27.50 15.10 -20.43
N GLY A 299 28.19 14.36 -21.30
CA GLY A 299 28.88 14.92 -22.47
C GLY A 299 30.16 15.63 -22.12
N ILE A 300 30.76 15.31 -20.97
CA ILE A 300 32.03 15.92 -20.58
C ILE A 300 33.20 15.02 -20.95
N THR A 301 34.14 15.53 -21.76
CA THR A 301 35.20 14.73 -22.40
C THR A 301 36.63 15.24 -22.09
N LYS A 302 37.65 14.55 -22.63
CA LYS A 302 39.08 15.01 -22.59
C LYS A 302 39.22 16.50 -22.88
N ASP A 303 38.47 16.96 -23.89
CA ASP A 303 38.60 18.26 -24.51
C ASP A 303 37.57 19.28 -24.05
N THR A 304 36.85 18.99 -22.97
CA THR A 304 35.96 19.98 -22.43
C THR A 304 36.82 21.02 -21.74
N THR A 305 36.63 22.26 -22.09
CA THR A 305 37.41 23.28 -21.42
C THR A 305 36.92 23.50 -20.02
N GLU A 306 37.79 24.02 -19.18
CA GLU A 306 37.41 24.29 -17.82
C GLU A 306 36.31 25.35 -17.74
N GLU A 307 36.30 26.27 -18.68
CA GLU A 307 35.22 27.26 -18.72
C GLU A 307 33.89 26.51 -18.92
N ALA A 308 33.90 25.60 -19.88
CA ALA A 308 32.69 24.86 -20.23
C ALA A 308 32.31 23.80 -19.15
N ARG A 309 33.27 23.26 -18.44
CA ARG A 309 32.95 22.23 -17.43
C ARG A 309 32.29 22.93 -16.26
N GLN A 310 32.82 24.10 -15.91
CA GLN A 310 32.28 24.91 -14.83
C GLN A 310 30.90 25.36 -15.11
N GLU A 311 30.66 25.80 -16.32
CA GLU A 311 29.36 26.27 -16.68
C GLU A 311 28.33 25.12 -16.54
N LEU A 312 28.73 23.92 -16.92
CA LEU A 312 27.82 22.78 -16.99
C LEU A 312 27.45 22.39 -15.58
N LEU A 313 28.43 22.36 -14.71
CA LEU A 313 28.16 21.98 -13.33
C LEU A 313 27.31 23.00 -12.65
N ALA A 314 27.61 24.25 -12.90
CA ALA A 314 26.85 25.37 -12.37
C ALA A 314 25.40 25.35 -12.84
N SER A 315 25.18 25.01 -14.10
CA SER A 315 23.85 24.88 -14.66
CA SER A 315 23.85 24.91 -14.63
C SER A 315 23.06 23.75 -13.93
N CYS A 316 23.75 22.67 -13.55
CA CYS A 316 23.10 21.59 -12.80
C CYS A 316 22.58 22.08 -11.45
N TRP A 317 23.42 22.81 -10.75
CA TRP A 317 23.07 23.41 -9.49
C TRP A 317 21.95 24.39 -9.67
N ARG A 318 22.02 25.17 -10.71
CA ARG A 318 20.97 26.14 -10.93
C ARG A 318 19.63 25.47 -11.17
N LEU A 319 19.65 24.45 -11.97
CA LEU A 319 18.44 23.70 -12.26
C LEU A 319 17.85 23.10 -10.98
N GLU A 320 18.69 22.51 -10.19
CA GLU A 320 18.31 21.97 -8.91
C GLU A 320 17.58 23.01 -8.10
N SER A 321 18.17 24.20 -8.07
CA SER A 321 17.64 25.28 -7.28
C SER A 321 16.29 25.72 -7.77
N GLU A 322 16.14 25.83 -9.08
CA GLU A 322 14.91 26.30 -9.70
C GLU A 322 13.80 25.26 -9.45
N LEU A 323 14.16 23.99 -9.61
CA LEU A 323 13.08 22.96 -9.38
C LEU A 323 12.60 22.96 -7.92
N CYS A 324 13.54 23.07 -7.00
CA CYS A 324 13.19 22.97 -5.56
C CYS A 324 12.36 24.18 -5.13
N GLU A 325 12.66 25.34 -5.71
CA GLU A 325 11.90 26.54 -5.47
C GLU A 325 10.48 26.39 -5.98
N GLY A 326 10.28 25.59 -7.01
CA GLY A 326 8.97 25.28 -7.54
C GLY A 326 8.32 24.07 -6.88
N GLY A 327 8.90 23.53 -5.81
CA GLY A 327 8.25 22.47 -5.05
C GLY A 327 8.69 21.05 -5.42
N VAL A 328 9.59 20.90 -6.40
CA VAL A 328 9.98 19.57 -6.88
C VAL A 328 11.21 19.15 -6.10
N ARG A 329 11.24 17.90 -5.64
CA ARG A 329 12.39 17.41 -4.88
C ARG A 329 13.47 16.99 -5.86
N ALA A 330 14.39 17.91 -6.16
CA ALA A 330 15.45 17.61 -7.11
C ALA A 330 16.78 17.59 -6.42
N ARG A 331 17.70 16.84 -6.99
CA ARG A 331 19.07 16.93 -6.58
C ARG A 331 20.01 16.56 -7.68
N CYS A 332 21.29 16.93 -7.54
CA CYS A 332 22.32 16.52 -8.44
C CYS A 332 23.20 15.35 -8.01
N ASP A 333 23.69 14.59 -8.97
CA ASP A 333 24.71 13.61 -8.69
C ASP A 333 25.97 14.05 -9.47
N LEU A 334 26.87 14.75 -8.80
CA LEU A 334 28.11 15.25 -9.43
C LEU A 334 29.35 14.45 -9.00
N ARG A 335 29.16 13.19 -8.62
CA ARG A 335 30.29 12.27 -8.40
C ARG A 335 31.02 11.90 -9.69
N ASP A 336 31.96 12.75 -10.17
CA ASP A 336 32.55 12.45 -11.50
C ASP A 336 33.59 11.33 -11.52
N ASN A 337 33.91 10.79 -10.37
CA ASN A 337 34.72 9.59 -10.39
C ASN A 337 33.96 8.39 -10.98
N TYR A 338 32.63 8.45 -11.03
CA TYR A 338 31.85 7.42 -11.69
C TYR A 338 31.44 7.98 -13.03
N SER A 339 31.37 7.08 -14.02
CA SER A 339 30.79 7.43 -15.33
C SER A 339 29.33 7.95 -15.11
N PRO A 340 28.82 8.74 -16.08
CA PRO A 340 27.38 9.01 -16.01
C PRO A 340 26.58 7.74 -16.06
N GLY A 341 26.99 6.74 -16.86
CA GLY A 341 26.27 5.48 -16.91
C GLY A 341 26.12 4.79 -15.56
N TRP A 342 27.21 4.73 -14.80
CA TRP A 342 27.17 4.17 -13.47
C TRP A 342 26.16 4.93 -12.59
N ARG A 343 26.23 6.26 -12.66
CA ARG A 343 25.27 7.09 -11.90
C ARG A 343 23.84 6.82 -12.42
N PHE A 344 23.62 6.66 -13.74
CA PHE A 344 22.31 6.43 -14.23
C PHE A 344 21.79 5.14 -13.56
N ASN A 345 22.65 4.14 -13.51
CA ASN A 345 22.24 2.82 -12.98
C ASN A 345 21.84 2.88 -11.50
N HIS A 346 22.67 3.54 -10.71
CA HIS A 346 22.48 3.73 -9.30
C HIS A 346 21.09 4.30 -8.99
N TRP A 347 20.74 5.40 -9.66
CA TRP A 347 19.41 6.03 -9.48
C TRP A 347 18.28 5.26 -10.14
N GLU A 348 18.57 4.52 -11.21
CA GLU A 348 17.57 3.65 -11.79
CA GLU A 348 17.61 3.61 -11.80
C GLU A 348 17.20 2.56 -10.81
N VAL A 349 18.20 1.97 -10.16
CA VAL A 349 17.92 0.93 -9.22
C VAL A 349 17.10 1.43 -8.00
N LYS A 350 17.35 2.69 -7.61
CA LYS A 350 16.61 3.32 -6.51
C LYS A 350 15.24 3.67 -6.93
N GLY A 351 15.03 3.86 -8.22
CA GLY A 351 13.71 4.15 -8.71
C GLY A 351 13.32 5.62 -8.72
N VAL A 352 14.30 6.52 -8.83
CA VAL A 352 14.01 7.94 -8.92
CA VAL A 352 13.98 7.95 -8.88
C VAL A 352 13.08 8.14 -10.08
N PRO A 353 11.94 8.79 -9.88
CA PRO A 353 10.97 8.89 -10.96
C PRO A 353 11.50 9.50 -12.31
N LEU A 354 12.33 10.55 -12.22
CA LEU A 354 12.79 11.26 -13.42
C LEU A 354 14.27 11.47 -13.33
N ARG A 355 14.96 11.29 -14.44
CA ARG A 355 16.33 11.60 -14.52
C ARG A 355 16.52 12.69 -15.62
N VAL A 356 17.24 13.74 -15.28
CA VAL A 356 17.58 14.84 -16.21
C VAL A 356 19.04 14.65 -16.53
N GLU A 357 19.35 14.50 -17.79
CA GLU A 357 20.69 14.36 -18.30
C GLU A 357 21.03 15.71 -18.93
N LEU A 358 22.00 16.41 -18.36
CA LEU A 358 22.26 17.81 -18.72
C LEU A 358 23.68 17.83 -19.33
N GLY A 359 23.70 17.94 -20.63
CA GLY A 359 24.93 18.07 -21.37
C GLY A 359 25.08 19.36 -22.18
N PRO A 360 26.18 19.42 -22.93
CA PRO A 360 26.46 20.64 -23.74
C PRO A 360 25.26 21.08 -24.59
N ARG A 361 24.63 20.14 -25.29
CA ARG A 361 23.50 20.49 -26.15
C ARG A 361 22.22 20.88 -25.40
N GLU A 362 22.01 20.31 -24.22
CA GLU A 362 20.88 20.66 -23.40
C GLU A 362 21.10 22.03 -22.89
N LEU A 363 22.32 22.34 -22.54
CA LEU A 363 22.61 23.67 -22.15
C LEU A 363 22.39 24.68 -23.33
N ALA A 364 22.96 24.37 -24.48
CA ALA A 364 22.93 25.30 -25.63
C ALA A 364 21.53 25.52 -26.15
N GLU A 365 20.74 24.45 -26.19
CA GLU A 365 19.36 24.55 -26.61
C GLU A 365 18.33 24.86 -25.54
N ARG A 366 18.76 25.03 -24.28
CA ARG A 366 17.81 25.29 -23.22
C ARG A 366 16.71 24.27 -23.39
N SER A 367 17.10 23.00 -23.25
CA SER A 367 16.19 21.88 -23.46
C SER A 367 16.69 20.63 -22.72
N LEU A 368 15.92 20.21 -21.71
CA LEU A 368 16.41 19.15 -20.80
C LEU A 368 16.01 17.82 -21.33
N ALA A 369 16.92 16.87 -21.36
CA ALA A 369 16.60 15.52 -21.71
C ALA A 369 16.17 14.76 -20.44
N VAL A 370 14.96 14.25 -20.44
CA VAL A 370 14.34 13.68 -19.25
C VAL A 370 14.01 12.24 -19.56
N ALA A 371 14.52 11.34 -18.74
CA ALA A 371 14.26 9.95 -18.87
C ALA A 371 13.28 9.57 -17.77
N VAL A 372 12.11 9.02 -18.14
CA VAL A 372 11.08 8.60 -17.19
C VAL A 372 11.28 7.15 -16.76
N ARG A 373 11.52 6.94 -15.47
CA ARG A 373 11.89 5.66 -14.96
C ARG A 373 10.84 4.52 -15.18
N HIS A 374 9.59 4.78 -14.92
CA HIS A 374 8.62 3.68 -14.96
C HIS A 374 8.45 3.16 -16.39
N SER A 375 8.47 4.06 -17.39
CA SER A 375 8.08 3.75 -18.77
C SER A 375 9.29 3.66 -19.69
N GLY A 376 10.42 4.23 -19.28
CA GLY A 376 11.59 4.31 -20.13
C GLY A 376 11.43 5.36 -21.19
N ALA A 377 10.37 6.14 -21.14
CA ALA A 377 10.18 7.17 -22.15
C ALA A 377 11.18 8.32 -21.99
N ARG A 378 11.47 9.01 -23.08
CA ARG A 378 12.35 10.14 -23.06
C ARG A 378 11.60 11.34 -23.49
N HIS A 379 11.72 12.45 -22.75
CA HIS A 379 11.05 13.71 -23.11
C HIS A 379 12.07 14.80 -23.26
N SER A 380 11.78 15.78 -24.09
CA SER A 380 12.53 17.04 -24.06
C SER A 380 11.72 18.03 -23.30
N VAL A 381 12.29 18.61 -22.26
CA VAL A 381 11.53 19.62 -21.55
C VAL A 381 12.26 20.95 -21.62
N ALA A 382 11.56 21.99 -22.05
CA ALA A 382 12.17 23.34 -22.20
C ALA A 382 12.66 23.86 -20.87
N TRP A 383 13.85 24.47 -20.87
CA TRP A 383 14.42 25.03 -19.70
C TRP A 383 14.23 26.52 -19.69
N ASP A 384 13.27 26.94 -18.90
CA ASP A 384 12.77 28.31 -18.84
C ASP A 384 11.94 28.47 -17.57
N ALA A 385 11.20 29.57 -17.46
CA ALA A 385 10.36 29.91 -16.32
C ALA A 385 9.28 28.82 -15.99
N GLN A 386 8.91 28.06 -16.99
CA GLN A 386 7.84 27.08 -16.85
C GLN A 386 8.34 25.70 -16.44
N THR A 387 9.67 25.54 -16.36
CA THR A 387 10.23 24.21 -16.14
C THR A 387 9.71 23.53 -14.81
N PRO A 388 9.77 24.23 -13.67
CA PRO A 388 9.28 23.56 -12.47
C PRO A 388 7.82 23.07 -12.55
N ALA A 389 6.91 23.87 -13.11
CA ALA A 389 5.55 23.41 -13.25
C ALA A 389 5.48 22.28 -14.23
N ALA A 390 6.25 22.35 -15.32
CA ALA A 390 6.19 21.30 -16.32
C ALA A 390 6.66 19.96 -15.71
N VAL A 391 7.74 20.01 -14.93
CA VAL A 391 8.29 18.81 -14.31
C VAL A 391 7.29 18.31 -13.25
N ALA A 392 6.71 19.21 -12.48
CA ALA A 392 5.72 18.80 -11.49
C ALA A 392 4.55 18.15 -12.19
N ALA A 393 4.16 18.66 -13.36
CA ALA A 393 3.08 17.99 -14.07
C ALA A 393 3.47 16.63 -14.60
N LEU A 394 4.69 16.50 -15.10
CA LEU A 394 5.15 15.22 -15.52
C LEU A 394 5.18 14.18 -14.34
N LEU A 395 5.59 14.65 -13.18
CA LEU A 395 5.50 13.77 -11.96
C LEU A 395 4.05 13.38 -11.64
N GLU A 396 3.06 14.21 -11.91
CA GLU A 396 1.69 13.80 -11.66
C GLU A 396 1.26 12.80 -12.69
N ASP A 397 1.71 12.96 -13.95
CA ASP A 397 1.47 11.96 -15.01
CA ASP A 397 1.42 11.96 -14.96
C ASP A 397 2.07 10.62 -14.64
N VAL A 398 3.30 10.66 -14.16
CA VAL A 398 3.95 9.46 -13.71
C VAL A 398 3.09 8.72 -12.64
N HIS A 399 2.63 9.43 -11.62
CA HIS A 399 1.70 8.81 -10.65
C HIS A 399 0.52 8.13 -11.35
N ALA A 400 -0.14 8.88 -12.21
CA ALA A 400 -1.30 8.40 -12.90
C ALA A 400 -1.02 7.14 -13.70
N GLN A 401 0.07 7.13 -14.42
CA GLN A 401 0.42 6.02 -15.24
C GLN A 401 0.78 4.77 -14.44
N MET A 402 1.50 4.96 -13.36
CA MET A 402 1.89 3.82 -12.53
C MET A 402 0.65 3.18 -11.94
N TYR A 403 -0.26 3.99 -11.48
CA TYR A 403 -1.52 3.53 -10.87
C TYR A 403 -2.30 2.75 -11.94
N ALA A 404 -2.41 3.35 -13.12
CA ALA A 404 -3.17 2.72 -14.20
C ALA A 404 -2.63 1.38 -14.63
N ARG A 405 -1.31 1.26 -14.74
CA ARG A 405 -0.67 0.07 -15.15
C ARG A 405 -0.90 -1.04 -14.05
N ALA A 406 -0.72 -0.67 -12.81
CA ALA A 406 -0.97 -1.60 -11.68
C ALA A 406 -2.42 -2.02 -11.62
N LYS A 407 -3.36 -1.09 -11.79
CA LYS A 407 -4.78 -1.42 -11.75
C LYS A 407 -5.17 -2.44 -12.85
N GLU A 408 -4.65 -2.23 -14.05
CA GLU A 408 -4.84 -3.13 -15.21
C GLU A 408 -4.29 -4.55 -14.95
N THR A 409 -3.10 -4.63 -14.44
CA THR A 409 -2.53 -5.86 -14.07
C THR A 409 -3.46 -6.59 -13.01
N MET A 410 -3.92 -5.85 -12.01
CA MET A 410 -4.79 -6.36 -10.99
C MET A 410 -6.03 -6.91 -11.57
N GLU A 411 -6.73 -6.11 -12.38
CA GLU A 411 -7.98 -6.53 -12.93
C GLU A 411 -7.83 -7.70 -13.86
N THR A 412 -6.73 -7.76 -14.60
CA THR A 412 -6.43 -8.85 -15.57
C THR A 412 -6.29 -10.20 -14.79
N HIS A 413 -5.71 -10.12 -13.60
CA HIS A 413 -5.42 -11.27 -12.79
C HIS A 413 -6.54 -11.62 -11.80
N ARG A 414 -7.68 -10.95 -11.95
CA ARG A 414 -8.85 -11.21 -11.11
C ARG A 414 -9.66 -12.05 -12.06
N VAL A 415 -9.85 -13.32 -11.75
CA VAL A 415 -10.54 -14.17 -12.71
C VAL A 415 -11.84 -14.71 -12.15
N ARG A 416 -12.98 -14.46 -12.82
CA ARG A 416 -14.27 -14.96 -12.31
C ARG A 416 -14.49 -16.43 -12.76
N VAL A 417 -14.50 -17.35 -11.77
CA VAL A 417 -14.47 -18.78 -11.89
C VAL A 417 -15.83 -19.32 -11.43
N THR A 418 -16.52 -20.06 -12.25
CA THR A 418 -17.78 -20.68 -11.81
C THR A 418 -17.77 -22.19 -11.73
N GLU A 419 -16.76 -22.84 -12.27
CA GLU A 419 -16.61 -24.27 -12.21
C GLU A 419 -15.40 -24.69 -11.35
N TRP A 420 -15.62 -25.65 -10.43
CA TRP A 420 -14.60 -26.07 -9.55
C TRP A 420 -13.33 -26.49 -10.31
N THR A 421 -13.49 -27.14 -11.48
CA THR A 421 -12.36 -27.74 -12.12
C THR A 421 -11.39 -26.70 -12.64
N GLU A 422 -11.84 -25.47 -12.80
CA GLU A 422 -10.96 -24.41 -13.27
CA GLU A 422 -10.95 -24.42 -13.26
C GLU A 422 -10.31 -23.60 -12.15
N PHE A 423 -10.67 -23.91 -10.90
CA PHE A 423 -10.21 -23.14 -9.71
C PHE A 423 -8.73 -23.28 -9.47
N VAL A 424 -8.25 -24.49 -9.23
CA VAL A 424 -6.80 -24.64 -9.01
C VAL A 424 -5.90 -24.32 -10.21
N PRO A 425 -6.33 -24.66 -11.41
CA PRO A 425 -5.55 -24.16 -12.58
C PRO A 425 -5.45 -22.63 -12.72
N THR A 426 -6.49 -21.93 -12.33
CA THR A 426 -6.45 -20.49 -12.19
C THR A 426 -5.48 -20.01 -11.17
N LEU A 427 -5.50 -20.60 -9.97
CA LEU A 427 -4.49 -20.29 -9.03
C LEU A 427 -3.10 -20.51 -9.64
N ASN A 428 -2.91 -21.63 -10.32
CA ASN A 428 -1.64 -21.94 -10.87
C ASN A 428 -1.21 -21.01 -11.99
N ARG A 429 -2.13 -20.16 -12.42
CA ARG A 429 -1.81 -19.16 -13.43
C ARG A 429 -1.44 -17.84 -12.73
N LYS A 430 -1.22 -17.92 -11.41
CA LYS A 430 -0.88 -16.78 -10.63
C LYS A 430 -1.96 -15.68 -10.67
N CYS A 431 -3.21 -16.13 -10.59
CA CYS A 431 -4.39 -15.24 -10.54
C CYS A 431 -5.11 -15.34 -9.20
N LEU A 432 -5.88 -14.32 -8.87
CA LEU A 432 -6.90 -14.36 -7.83
C LEU A 432 -8.16 -14.75 -8.49
N ILE A 433 -9.13 -15.15 -7.66
CA ILE A 433 -10.36 -15.70 -8.20
C ILE A 433 -11.55 -15.05 -7.55
N LEU A 434 -12.48 -14.61 -8.36
CA LEU A 434 -13.81 -14.23 -7.87
C LEU A 434 -14.76 -15.36 -8.19
N ALA A 435 -15.38 -15.92 -7.18
CA ALA A 435 -16.21 -17.10 -7.35
C ALA A 435 -17.51 -16.93 -6.55
N PRO A 436 -18.59 -17.63 -6.98
CA PRO A 436 -19.89 -17.58 -6.30
C PRO A 436 -19.78 -18.35 -5.04
N TRP A 437 -20.38 -17.85 -3.96
CA TRP A 437 -20.29 -18.50 -2.63
C TRP A 437 -21.66 -18.39 -1.94
N CYS A 438 -22.12 -19.45 -1.26
CA CYS A 438 -23.44 -19.36 -0.59
C CYS A 438 -23.35 -18.62 0.73
N GLY A 439 -22.14 -18.48 1.24
CA GLY A 439 -21.90 -17.80 2.47
C GLY A 439 -21.62 -18.69 3.64
N ALA A 440 -21.69 -20.01 3.45
CA ALA A 440 -21.42 -20.93 4.57
C ALA A 440 -19.95 -21.10 4.85
N MET A 441 -19.55 -21.02 6.12
CA MET A 441 -18.15 -21.26 6.49
C MET A 441 -17.61 -22.59 6.07
N GLU A 442 -18.45 -23.62 6.15
CA GLU A 442 -18.05 -24.96 5.75
CA GLU A 442 -17.93 -24.94 5.78
C GLU A 442 -17.50 -25.00 4.29
N CYS A 443 -18.16 -24.24 3.42
CA CYS A 443 -17.81 -24.20 2.00
C CYS A 443 -16.47 -23.50 1.79
N GLU A 444 -16.28 -22.39 2.49
CA GLU A 444 -14.95 -21.72 2.52
C GLU A 444 -13.85 -22.65 2.98
N ASN A 445 -14.13 -23.41 4.00
CA ASN A 445 -13.15 -24.37 4.51
C ASN A 445 -12.82 -25.48 3.46
N GLN A 446 -13.86 -25.98 2.81
CA GLN A 446 -13.71 -27.00 1.81
C GLN A 446 -12.86 -26.48 0.61
N VAL A 447 -13.15 -25.25 0.18
CA VAL A 447 -12.33 -24.64 -0.89
C VAL A 447 -10.84 -24.67 -0.52
N LYS A 448 -10.50 -24.26 0.70
CA LYS A 448 -9.11 -24.19 1.07
C LYS A 448 -8.48 -25.59 1.18
N LYS A 449 -9.22 -26.51 1.73
CA LYS A 449 -8.74 -27.89 1.79
C LYS A 449 -8.52 -28.55 0.45
N ASP A 450 -9.52 -28.48 -0.40
CA ASP A 450 -9.55 -29.14 -1.72
C ASP A 450 -8.52 -28.50 -2.63
N SER A 451 -8.41 -27.18 -2.55
CA SER A 451 -7.37 -26.48 -3.34
C SER A 451 -5.93 -26.85 -2.85
N ALA A 452 -5.70 -26.91 -1.55
CA ALA A 452 -4.40 -27.35 -1.07
C ALA A 452 -4.08 -28.79 -1.49
N GLU A 453 -5.07 -29.65 -1.43
CA GLU A 453 -4.87 -31.08 -1.77
C GLU A 453 -4.62 -31.24 -3.29
N GLU A 454 -5.38 -30.54 -4.16
CA GLU A 454 -5.15 -30.62 -5.59
C GLU A 454 -3.84 -29.98 -6.04
N SER A 455 -3.29 -29.03 -5.29
CA SER A 455 -2.13 -28.23 -5.77
C SER A 455 -0.89 -29.03 -5.67
N LYS A 456 -0.92 -29.91 -4.69
CA LYS A 456 0.16 -30.78 -4.33
C LYS A 456 0.18 -32.06 -5.22
N ALA A 469 8.50 -23.01 2.16
CA ALA A 469 7.52 -23.54 1.19
C ALA A 469 6.11 -22.91 1.37
N PRO A 470 5.71 -21.95 0.51
CA PRO A 470 4.48 -21.22 0.88
C PRO A 470 3.20 -22.06 0.82
N SER A 471 2.12 -21.56 1.42
CA SER A 471 0.85 -22.24 1.38
C SER A 471 0.33 -22.27 -0.07
N MET A 472 -0.31 -23.35 -0.43
CA MET A 472 -0.96 -23.53 -1.72
C MET A 472 -2.45 -23.53 -1.69
N GLY A 473 -3.07 -23.64 -0.49
CA GLY A 473 -4.51 -23.57 -0.44
C GLY A 473 -4.95 -22.13 -0.66
N ALA A 474 -6.13 -21.89 -1.27
CA ALA A 474 -6.67 -20.55 -1.41
C ALA A 474 -7.58 -20.21 -0.23
N LYS A 475 -7.38 -19.05 0.38
CA LYS A 475 -8.31 -18.59 1.38
C LYS A 475 -9.20 -17.54 0.79
N THR A 476 -10.17 -17.06 1.56
CA THR A 476 -10.88 -15.89 1.14
C THR A 476 -10.01 -14.68 1.55
N LEU A 477 -10.01 -13.74 0.65
CA LEU A 477 -9.36 -12.44 0.81
C LEU A 477 -10.39 -11.39 1.31
N CYS A 478 -11.50 -11.21 0.60
CA CYS A 478 -12.59 -10.37 1.08
C CYS A 478 -13.77 -10.63 0.22
N ILE A 479 -14.92 -10.22 0.72
CA ILE A 479 -16.12 -10.07 -0.06
C ILE A 479 -16.07 -8.62 -0.55
N PRO A 480 -15.82 -8.40 -1.85
CA PRO A 480 -15.67 -7.03 -2.35
C PRO A 480 -16.96 -6.23 -2.26
N PHE A 481 -16.86 -4.96 -1.86
CA PHE A 481 -18.01 -4.10 -1.82
C PHE A 481 -18.50 -3.85 -3.25
N GLU A 482 -17.60 -3.82 -4.22
CA GLU A 482 -18.00 -3.66 -5.61
CA GLU A 482 -17.96 -3.66 -5.63
C GLU A 482 -18.12 -5.05 -6.19
N GLN A 483 -19.36 -5.52 -6.33
CA GLN A 483 -19.66 -6.83 -6.87
C GLN A 483 -19.86 -6.78 -8.38
N PRO A 484 -19.55 -7.85 -9.09
CA PRO A 484 -19.86 -7.99 -10.53
C PRO A 484 -21.31 -7.67 -10.85
N GLU A 485 -21.58 -7.17 -12.05
CA GLU A 485 -22.96 -7.13 -12.56
C GLU A 485 -23.57 -8.51 -12.61
N GLU A 486 -22.82 -9.51 -13.11
CA GLU A 486 -23.39 -10.88 -13.17
C GLU A 486 -23.88 -11.33 -11.77
N PRO A 487 -25.22 -11.62 -11.62
CA PRO A 487 -25.76 -12.05 -10.32
C PRO A 487 -25.17 -13.33 -9.84
N ALA A 488 -24.77 -13.38 -8.57
CA ALA A 488 -24.24 -14.63 -8.02
C ALA A 488 -25.25 -15.80 -7.98
N GLU A 489 -26.50 -15.44 -7.71
CA GLU A 489 -27.68 -16.32 -7.58
C GLU A 489 -27.90 -17.23 -8.78
N GLY A 490 -27.48 -16.80 -9.96
CA GLY A 490 -27.48 -17.69 -11.12
C GLY A 490 -26.53 -18.89 -11.05
N HIS A 491 -25.73 -18.97 -10.02
CA HIS A 491 -24.70 -19.96 -9.98
C HIS A 491 -24.82 -20.76 -8.73
N GLU A 492 -24.28 -21.96 -8.75
CA GLU A 492 -24.07 -22.72 -7.56
C GLU A 492 -22.87 -22.24 -6.79
N CYS A 493 -22.91 -22.42 -5.47
CA CYS A 493 -21.67 -22.20 -4.69
C CYS A 493 -20.47 -22.96 -5.28
N ILE A 494 -19.26 -22.36 -5.24
CA ILE A 494 -18.10 -22.87 -5.99
C ILE A 494 -17.54 -24.19 -5.55
N CYS A 495 -17.69 -24.58 -4.28
CA CYS A 495 -17.00 -25.72 -3.76
C CYS A 495 -17.42 -27.01 -4.49
N LYS A 496 -16.46 -27.90 -4.50
CA LYS A 496 -16.55 -29.14 -5.27
C LYS A 496 -17.69 -29.98 -4.71
N GLY A 497 -18.63 -30.31 -5.58
CA GLY A 497 -19.83 -31.01 -5.18
C GLY A 497 -20.94 -30.14 -4.65
N CYS A 498 -20.71 -28.83 -4.42
CA CYS A 498 -21.70 -27.97 -3.75
C CYS A 498 -22.81 -27.69 -4.67
N THR A 499 -23.96 -27.36 -4.10
CA THR A 499 -25.23 -27.31 -4.79
C THR A 499 -26.08 -26.11 -4.49
N LYS A 500 -25.91 -25.50 -3.32
CA LYS A 500 -26.73 -24.35 -2.98
C LYS A 500 -26.49 -23.19 -3.89
N PRO A 501 -27.56 -22.42 -4.20
CA PRO A 501 -27.37 -21.17 -4.89
C PRO A 501 -26.44 -20.24 -4.10
N ALA A 502 -25.50 -19.63 -4.82
CA ALA A 502 -24.64 -18.61 -4.24
C ALA A 502 -25.45 -17.35 -3.88
N THR A 503 -24.98 -16.64 -2.89
CA THR A 503 -25.52 -15.34 -2.53
C THR A 503 -24.61 -14.17 -2.78
N THR A 504 -23.33 -14.41 -3.01
CA THR A 504 -22.43 -13.26 -3.29
C THR A 504 -21.28 -13.81 -4.13
N TRP A 505 -20.44 -12.91 -4.68
CA TRP A 505 -19.12 -13.31 -5.18
C TRP A 505 -18.13 -13.04 -4.10
N VAL A 506 -17.12 -13.86 -3.93
CA VAL A 506 -16.08 -13.57 -2.94
C VAL A 506 -14.74 -13.75 -3.66
N LEU A 507 -13.76 -12.99 -3.24
CA LEU A 507 -12.41 -13.06 -3.75
C LEU A 507 -11.58 -14.03 -2.96
N PHE A 508 -11.05 -15.04 -3.68
CA PHE A 508 -10.20 -16.10 -3.15
C PHE A 508 -8.79 -15.95 -3.74
N GLY A 509 -7.82 -16.41 -2.99
CA GLY A 509 -6.46 -16.56 -3.48
C GLY A 509 -5.53 -17.24 -2.57
N ARG A 510 -4.42 -17.68 -3.12
CA ARG A 510 -3.25 -17.90 -2.29
C ARG A 510 -2.78 -16.55 -1.73
N SER A 511 -2.25 -16.53 -0.53
CA SER A 511 -2.01 -15.25 0.18
C SER A 511 -0.63 -15.21 0.79
N TYR A 512 -0.14 -13.98 1.08
CA TYR A 512 0.98 -13.72 2.02
C TYR A 512 0.61 -13.88 3.53
ZN ZN B . -21.80 -23.39 -0.27
C ACT C . -23.44 -25.91 -0.70
O ACT C . -23.06 -24.82 -1.17
OXT ACT C . -23.97 -26.83 -1.46
CH3 ACT C . -23.22 -26.10 0.78
C ACT D . 9.06 -12.42 -1.03
O ACT D . 9.99 -12.84 -0.36
OXT ACT D . 7.94 -12.99 -1.19
CH3 ACT D . 9.32 -11.09 -1.68
C ACT E . -18.74 -16.49 -15.87
O ACT E . -18.39 -15.40 -15.45
OXT ACT E . -19.96 -16.85 -15.86
CH3 ACT E . -17.70 -17.41 -16.38
MG MG F . 0.48 -12.93 -14.23
MG MG G . -20.76 -12.20 15.17
MG MG H . -23.29 -23.50 -12.68
#